data_1ZKC
#
_entry.id   1ZKC
#
_cell.length_a   65.028
_cell.length_b   65.028
_cell.length_c   201.790
_cell.angle_alpha   90.00
_cell.angle_beta   90.00
_cell.angle_gamma   120.00
#
_symmetry.space_group_name_H-M   'P 31 2 1'
#
loop_
_entity.id
_entity.type
_entity.pdbx_description
1 polymer 'Peptidyl-prolyl cis-trans isomerase like 2'
2 non-polymer BETA-MERCAPTOETHANOL
3 water water
#
_entity_poly.entity_id   1
_entity_poly.type   'polypeptide(L)'
_entity_poly.pdbx_seq_one_letter_code
;MGSSHHHHHHSSGLVPRGSGYVRLHTNKGDLNLELHCDLTPKTCENFIRLCKKHYYDGTIFHRSIRNFVIQGGDPTGTGT
GGESYWGKPFKDEFRPNLSHTGRGILSMANSGPNSNRSQFFITFRSCAYLDKKHTIFGRVVGGFDVLTAMENVESDPKTD
RPKEEIRIDATTVFVDPYEEADAQIAQERKTQLKVAP
;
_entity_poly.pdbx_strand_id   A,B
#
# COMPACT_ATOMS: atom_id res chain seq x y z
N SER A 11 8.27 -1.58 28.71
CA SER A 11 9.36 -0.88 27.96
C SER A 11 8.82 -0.10 26.76
N SER A 12 9.70 0.70 26.15
CA SER A 12 9.34 1.51 25.00
C SER A 12 8.92 0.57 23.87
N GLY A 13 7.90 0.99 23.12
CA GLY A 13 7.37 0.17 22.04
C GLY A 13 6.84 1.10 20.97
N LEU A 14 6.60 0.52 19.79
CA LEU A 14 6.13 1.26 18.64
C LEU A 14 4.81 0.63 18.21
N VAL A 15 3.74 1.35 18.52
CA VAL A 15 2.38 0.89 18.30
C VAL A 15 1.99 1.15 16.84
N PRO A 16 1.58 0.10 16.10
CA PRO A 16 1.18 0.34 14.71
C PRO A 16 -0.21 0.94 14.69
N ARG A 17 -0.55 1.58 13.58
CA ARG A 17 -1.89 2.13 13.42
C ARG A 17 -2.40 1.54 12.10
N GLY A 18 -3.17 0.45 12.19
CA GLY A 18 -3.76 -0.17 11.00
C GLY A 18 -2.92 -1.26 10.37
N SER A 19 -3.46 -1.89 9.33
CA SER A 19 -2.74 -2.94 8.62
C SER A 19 -1.61 -2.36 7.77
N GLY A 20 -0.57 -3.17 7.54
CA GLY A 20 0.51 -2.79 6.64
C GLY A 20 0.32 -3.50 5.33
N TYR A 21 0.99 -3.00 4.29
CA TYR A 21 0.92 -3.61 2.97
C TYR A 21 2.30 -3.61 2.36
N VAL A 22 2.70 -4.77 1.84
CA VAL A 22 4.04 -4.97 1.28
C VAL A 22 3.89 -5.69 -0.06
N ARG A 23 4.60 -5.19 -1.07
CA ARG A 23 4.71 -5.89 -2.35
C ARG A 23 6.05 -6.61 -2.41
N LEU A 24 6.00 -7.91 -2.66
CA LEU A 24 7.21 -8.64 -2.97
C LEU A 24 7.36 -8.67 -4.47
N HIS A 25 8.44 -8.07 -4.95
CA HIS A 25 8.76 -8.08 -6.38
C HIS A 25 9.60 -9.33 -6.62
N THR A 26 8.96 -10.38 -7.10
CA THR A 26 9.67 -11.64 -7.33
C THR A 26 10.01 -11.80 -8.81
N ASN A 27 10.93 -12.73 -9.12
CA ASN A 27 11.20 -13.04 -10.52
C ASN A 27 10.05 -13.80 -11.23
N LYS A 28 8.98 -14.10 -10.51
CA LYS A 28 7.78 -14.71 -11.08
C LYS A 28 6.61 -13.71 -11.12
N GLY A 29 6.88 -12.47 -10.71
CA GLY A 29 5.86 -11.42 -10.67
C GLY A 29 5.69 -10.83 -9.28
N ASP A 30 4.70 -9.96 -9.15
CA ASP A 30 4.50 -9.25 -7.87
C ASP A 30 3.43 -9.92 -6.98
N LEU A 31 3.78 -10.17 -5.72
CA LEU A 31 2.82 -10.63 -4.70
C LEU A 31 2.53 -9.49 -3.74
N ASN A 32 1.26 -9.16 -3.51
CA ASN A 32 0.88 -8.18 -2.49
C ASN A 32 0.42 -8.88 -1.23
N LEU A 33 0.95 -8.42 -0.11
CA LEU A 33 0.65 -8.94 1.22
C LEU A 33 -0.02 -7.88 2.07
N GLU A 34 -1.10 -8.28 2.74
CA GLU A 34 -1.75 -7.50 3.78
C GLU A 34 -1.22 -8.04 5.10
N LEU A 35 -0.74 -7.16 5.97
CA LEU A 35 -0.20 -7.60 7.27
C LEU A 35 -1.13 -7.15 8.39
N HIS A 36 -1.38 -8.05 9.34
CA HIS A 36 -2.34 -7.81 10.41
C HIS A 36 -1.70 -7.12 11.59
N CYS A 37 -1.19 -5.92 11.33
CA CYS A 37 -0.26 -5.27 12.27
C CYS A 37 -0.88 -4.98 13.63
N ASP A 38 -2.15 -4.55 13.65
CA ASP A 38 -2.81 -4.31 14.93
C ASP A 38 -2.81 -5.57 15.79
N LEU A 39 -3.03 -6.75 15.16
CA LEU A 39 -3.11 -8.02 15.90
C LEU A 39 -1.74 -8.63 16.23
N THR A 40 -0.78 -8.48 15.34
CA THR A 40 0.54 -9.09 15.51
C THR A 40 1.63 -8.01 15.37
N PRO A 41 1.66 -7.07 16.33
CA PRO A 41 2.52 -5.89 16.14
C PRO A 41 4.02 -6.18 16.10
N LYS A 42 4.51 -7.10 16.90
CA LYS A 42 5.96 -7.36 16.92
C LYS A 42 6.36 -8.02 15.60
N THR A 43 5.53 -8.97 15.16
CA THR A 43 5.84 -9.74 13.95
C THR A 43 5.75 -8.85 12.70
N CYS A 44 4.72 -8.01 12.66
CA CYS A 44 4.61 -7.05 11.57
C CYS A 44 5.79 -6.07 11.63
N GLU A 45 6.16 -5.59 12.81
CA GLU A 45 7.28 -4.63 12.88
C GLU A 45 8.57 -5.23 12.34
N ASN A 46 8.85 -6.47 12.75
CA ASN A 46 10.03 -7.18 12.27
C ASN A 46 10.03 -7.23 10.75
N PHE A 47 8.94 -7.70 10.15
CA PHE A 47 8.92 -7.92 8.71
C PHE A 47 9.06 -6.59 7.93
N ILE A 48 8.31 -5.58 8.39
CA ILE A 48 8.34 -4.25 7.77
C ILE A 48 9.72 -3.63 7.84
N ARG A 49 10.35 -3.64 9.01
CA ARG A 49 11.69 -2.99 9.15
C ARG A 49 12.74 -3.75 8.35
N LEU A 50 12.65 -5.08 8.31
CA LEU A 50 13.58 -5.85 7.48
C LEU A 50 13.39 -5.49 6.00
N CYS A 51 12.15 -5.41 5.55
CA CYS A 51 11.87 -5.02 4.16
C CYS A 51 12.45 -3.65 3.87
N LYS A 52 12.20 -2.69 4.76
CA LYS A 52 12.65 -1.31 4.56
C LYS A 52 14.17 -1.18 4.42
N LYS A 53 14.90 -2.10 5.04
CA LYS A 53 16.36 -2.04 4.96
C LYS A 53 16.94 -3.05 3.93
N HIS A 54 16.08 -3.51 3.02
CA HIS A 54 16.52 -4.32 1.86
C HIS A 54 17.03 -5.74 2.26
N TYR A 55 16.62 -6.18 3.45
CA TYR A 55 17.11 -7.42 4.03
C TYR A 55 16.79 -8.63 3.15
N TYR A 56 15.66 -8.56 2.48
CA TYR A 56 15.21 -9.67 1.64
C TYR A 56 15.59 -9.57 0.16
N ASP A 57 16.27 -8.49 -0.22
CA ASP A 57 16.65 -8.30 -1.63
C ASP A 57 17.57 -9.44 -2.05
N GLY A 58 17.21 -10.12 -3.13
CA GLY A 58 18.02 -11.19 -3.67
C GLY A 58 17.84 -12.54 -3.01
N THR A 59 16.97 -12.62 -2.00
CA THR A 59 16.80 -13.87 -1.26
C THR A 59 15.88 -14.79 -2.05
N ILE A 60 16.00 -16.09 -1.80
CA ILE A 60 15.21 -17.07 -2.55
C ILE A 60 14.14 -17.72 -1.68
N PHE A 61 13.21 -18.42 -2.31
CA PHE A 61 12.31 -19.31 -1.56
C PHE A 61 12.98 -20.67 -1.63
N HIS A 62 13.54 -21.10 -0.49
CA HIS A 62 14.43 -22.24 -0.47
C HIS A 62 13.68 -23.54 -0.24
N ARG A 63 12.39 -23.47 0.10
CA ARG A 63 11.62 -24.67 0.47
C ARG A 63 10.24 -24.52 -0.18
N SER A 64 9.84 -25.45 -1.05
CA SER A 64 8.52 -25.38 -1.70
C SER A 64 7.96 -26.78 -1.75
N ILE A 65 6.77 -26.97 -1.17
CA ILE A 65 6.11 -28.27 -1.09
C ILE A 65 4.71 -28.07 -1.61
N ARG A 66 4.45 -28.67 -2.77
CA ARG A 66 3.19 -28.50 -3.45
C ARG A 66 2.03 -28.82 -2.52
N ASN A 67 1.02 -27.97 -2.58
CA ASN A 67 -0.16 -28.09 -1.77
C ASN A 67 0.06 -27.93 -0.27
N PHE A 68 1.20 -27.35 0.09
CA PHE A 68 1.53 -27.18 1.50
C PHE A 68 1.99 -25.73 1.74
N VAL A 69 3.28 -25.47 1.60
CA VAL A 69 3.82 -24.10 1.81
C VAL A 69 4.99 -23.82 0.89
N ILE A 70 5.29 -22.54 0.75
CA ILE A 70 6.53 -22.09 0.13
C ILE A 70 7.17 -21.10 1.10
N GLN A 71 8.46 -21.30 1.36
CA GLN A 71 9.14 -20.62 2.46
C GLN A 71 10.39 -19.91 1.99
N GLY A 72 10.64 -18.70 2.51
CA GLY A 72 11.85 -17.94 2.16
C GLY A 72 12.31 -17.12 3.35
N GLY A 73 13.00 -16.01 3.07
CA GLY A 73 13.40 -15.08 4.11
C GLY A 73 14.74 -15.39 4.74
N ASP A 74 15.52 -16.29 4.13
CA ASP A 74 16.83 -16.65 4.67
C ASP A 74 17.95 -16.07 3.80
N PRO A 75 18.61 -14.99 4.27
CA PRO A 75 19.61 -14.35 3.39
C PRO A 75 20.83 -15.25 3.10
N THR A 76 21.01 -16.31 3.90
CA THR A 76 22.07 -17.29 3.66
C THR A 76 21.70 -18.32 2.58
N GLY A 77 20.42 -18.46 2.30
CA GLY A 77 19.91 -19.47 1.35
C GLY A 77 20.03 -20.91 1.84
N THR A 78 20.49 -21.09 3.09
CA THR A 78 20.75 -22.46 3.60
C THR A 78 19.53 -23.18 4.12
N GLY A 79 18.52 -22.42 4.54
CA GLY A 79 17.33 -22.99 5.19
C GLY A 79 17.33 -22.77 6.70
N THR A 80 18.49 -22.39 7.24
CA THR A 80 18.57 -22.22 8.72
C THR A 80 19.11 -20.86 9.17
N GLY A 81 19.26 -19.93 8.23
CA GLY A 81 19.84 -18.64 8.56
C GLY A 81 18.81 -17.53 8.69
N GLY A 82 19.33 -16.33 8.93
CA GLY A 82 18.50 -15.15 9.13
C GLY A 82 18.53 -14.65 10.55
N GLU A 83 18.11 -13.41 10.73
CA GLU A 83 18.10 -12.76 12.02
C GLU A 83 16.90 -11.84 12.08
N SER A 84 16.30 -11.67 13.26
CA SER A 84 15.24 -10.67 13.40
C SER A 84 15.84 -9.26 13.24
N TYR A 85 14.95 -8.28 13.11
CA TYR A 85 15.36 -6.89 13.05
C TYR A 85 16.22 -6.50 14.27
N TRP A 86 15.87 -7.03 15.45
CA TRP A 86 16.54 -6.67 16.69
C TRP A 86 17.77 -7.51 16.99
N GLY A 87 18.02 -8.54 16.18
CA GLY A 87 19.11 -9.48 16.42
C GLY A 87 18.53 -10.78 16.95
N LYS A 88 18.04 -10.71 18.18
CA LYS A 88 17.60 -11.87 18.95
C LYS A 88 16.28 -12.43 18.45
N PRO A 89 16.05 -13.74 18.66
CA PRO A 89 14.76 -14.36 18.28
C PRO A 89 13.65 -13.80 19.15
N PHE A 90 12.46 -13.62 18.58
CA PHE A 90 11.38 -12.94 19.30
C PHE A 90 10.11 -13.79 19.42
N LYS A 91 9.18 -13.26 20.22
CA LYS A 91 8.02 -14.04 20.67
C LYS A 91 7.05 -14.40 19.55
N ASP A 92 6.35 -15.53 19.73
CA ASP A 92 5.13 -15.80 18.96
C ASP A 92 4.00 -14.84 19.30
N GLU A 93 3.13 -14.63 18.32
CA GLU A 93 1.93 -13.85 18.55
C GLU A 93 0.72 -14.58 17.97
N PHE A 94 0.35 -15.69 18.61
CA PHE A 94 -0.86 -16.42 18.24
C PHE A 94 -2.11 -15.64 18.62
N ARG A 95 -3.15 -15.74 17.79
CA ARG A 95 -4.38 -15.00 18.04
C ARG A 95 -5.54 -15.91 17.64
N PRO A 96 -6.61 -15.93 18.46
CA PRO A 96 -7.70 -16.86 18.21
C PRO A 96 -8.41 -16.70 16.88
N ASN A 97 -8.45 -15.48 16.36
CA ASN A 97 -9.10 -15.19 15.07
C ASN A 97 -8.19 -15.27 13.85
N LEU A 98 -6.95 -15.70 14.06
CA LEU A 98 -6.04 -15.98 12.93
C LEU A 98 -5.67 -17.46 12.87
N SER A 99 -6.09 -18.11 11.79
CA SER A 99 -5.78 -19.53 11.60
C SER A 99 -5.33 -19.78 10.16
N HIS A 100 -4.74 -20.96 9.93
CA HIS A 100 -4.22 -21.30 8.62
C HIS A 100 -5.39 -21.92 7.84
N THR A 101 -6.27 -21.05 7.37
CA THR A 101 -7.50 -21.45 6.72
C THR A 101 -7.52 -20.72 5.39
N GLY A 102 -7.59 -21.48 4.31
CA GLY A 102 -7.58 -20.87 2.98
C GLY A 102 -6.17 -20.72 2.43
N ARG A 103 -6.07 -20.34 1.16
CA ARG A 103 -4.79 -20.24 0.49
C ARG A 103 -4.15 -18.88 0.70
N GLY A 104 -2.82 -18.86 0.84
CA GLY A 104 -2.06 -17.60 0.87
C GLY A 104 -1.84 -16.98 2.25
N ILE A 105 -1.93 -17.79 3.30
CA ILE A 105 -1.73 -17.26 4.67
C ILE A 105 -0.24 -17.06 4.88
N LEU A 106 0.12 -15.93 5.49
CA LEU A 106 1.53 -15.53 5.69
C LEU A 106 1.93 -15.72 7.15
N SER A 107 2.94 -16.58 7.41
CA SER A 107 3.31 -16.97 8.78
C SER A 107 4.82 -17.07 8.93
N MET A 108 5.27 -17.14 10.19
CA MET A 108 6.70 -17.22 10.48
C MET A 108 7.18 -18.66 10.63
N ALA A 109 8.33 -18.96 10.03
CA ALA A 109 9.07 -20.19 10.35
C ALA A 109 9.74 -19.97 11.70
N ASN A 110 10.11 -21.07 12.36
CA ASN A 110 10.79 -20.98 13.64
C ASN A 110 11.45 -22.29 14.01
N SER A 111 12.11 -22.30 15.18
CA SER A 111 12.82 -23.50 15.65
C SER A 111 12.28 -23.97 16.99
N GLY A 112 11.04 -23.58 17.29
CA GLY A 112 10.41 -23.88 18.58
C GLY A 112 9.75 -22.64 19.12
N PRO A 113 9.16 -22.72 20.32
CA PRO A 113 8.46 -21.57 20.90
C PRO A 113 9.33 -20.31 20.98
N ASN A 114 8.72 -19.17 20.60
CA ASN A 114 9.33 -17.85 20.76
C ASN A 114 10.75 -17.77 20.19
N SER A 115 10.89 -18.15 18.91
CA SER A 115 12.21 -18.22 18.28
C SER A 115 12.17 -17.63 16.87
N ASN A 116 11.29 -16.66 16.65
CA ASN A 116 11.15 -16.06 15.34
C ASN A 116 12.35 -15.20 14.96
N ARG A 117 12.80 -15.32 13.71
CA ARG A 117 13.91 -14.50 13.21
C ARG A 117 13.47 -13.81 11.94
N SER A 118 13.86 -14.32 10.77
CA SER A 118 13.48 -13.66 9.50
C SER A 118 12.71 -14.53 8.52
N GLN A 119 12.79 -15.84 8.66
CA GLN A 119 12.15 -16.72 7.67
C GLN A 119 10.64 -16.78 7.84
N PHE A 120 9.96 -16.83 6.69
CA PHE A 120 8.50 -16.81 6.66
C PHE A 120 8.03 -17.74 5.53
N PHE A 121 6.77 -18.11 5.59
CA PHE A 121 6.19 -18.92 4.52
C PHE A 121 4.81 -18.46 4.15
N ILE A 122 4.38 -18.91 2.96
CA ILE A 122 3.02 -18.64 2.51
C ILE A 122 2.35 -19.99 2.25
N THR A 123 1.14 -20.16 2.75
CA THR A 123 0.46 -21.45 2.57
C THR A 123 -0.20 -21.56 1.21
N PHE A 124 -0.30 -22.80 0.71
CA PHE A 124 -1.00 -23.08 -0.56
C PHE A 124 -2.44 -23.54 -0.33
N ARG A 125 -2.74 -23.92 0.90
CA ARG A 125 -4.07 -24.39 1.30
C ARG A 125 -4.19 -24.36 2.82
N SER A 126 -5.40 -24.60 3.32
CA SER A 126 -5.64 -24.70 4.76
C SER A 126 -4.72 -25.74 5.39
N CYS A 127 -4.26 -25.47 6.61
CA CYS A 127 -3.48 -26.45 7.37
C CYS A 127 -3.61 -26.18 8.87
N ALA A 128 -4.67 -26.72 9.47
CA ALA A 128 -4.96 -26.47 10.89
C ALA A 128 -3.80 -26.87 11.80
N TYR A 129 -3.01 -27.87 11.39
CA TYR A 129 -1.88 -28.35 12.20
C TYR A 129 -0.91 -27.20 12.49
N LEU A 130 -0.85 -26.20 11.61
CA LEU A 130 0.10 -25.10 11.80
C LEU A 130 -0.35 -24.10 12.87
N ASP A 131 -1.66 -24.10 13.17
CA ASP A 131 -2.23 -23.15 14.15
C ASP A 131 -1.55 -23.29 15.51
N LYS A 132 -1.19 -22.16 16.12
CA LYS A 132 -0.51 -22.14 17.43
C LYS A 132 0.88 -22.81 17.40
N LYS A 133 1.41 -23.01 16.20
CA LYS A 133 2.80 -23.43 16.02
C LYS A 133 3.61 -22.37 15.29
N HIS A 134 2.95 -21.63 14.38
CA HIS A 134 3.60 -20.57 13.60
C HIS A 134 2.78 -19.30 13.67
N THR A 135 3.42 -18.16 13.94
CA THR A 135 2.66 -16.90 14.03
C THR A 135 2.13 -16.53 12.66
N ILE A 136 0.82 -16.36 12.55
CA ILE A 136 0.24 -15.79 11.32
C ILE A 136 0.25 -14.28 11.41
N PHE A 137 0.80 -13.61 10.40
CA PHE A 137 0.89 -12.16 10.46
C PHE A 137 0.41 -11.45 9.20
N GLY A 138 -0.12 -12.18 8.23
CA GLY A 138 -0.75 -11.54 7.07
C GLY A 138 -1.34 -12.56 6.12
N ARG A 139 -1.61 -12.09 4.89
CA ARG A 139 -2.12 -12.98 3.86
C ARG A 139 -1.86 -12.32 2.52
N VAL A 140 -1.75 -13.16 1.49
CA VAL A 140 -1.69 -12.66 0.11
C VAL A 140 -3.04 -12.05 -0.26
N VAL A 141 -3.02 -10.85 -0.84
CA VAL A 141 -4.25 -10.18 -1.29
C VAL A 141 -4.21 -9.80 -2.77
N GLY A 142 -3.03 -9.96 -3.37
CA GLY A 142 -2.85 -9.71 -4.81
C GLY A 142 -1.72 -10.53 -5.36
N GLY A 143 -1.80 -10.85 -6.65
CA GLY A 143 -0.81 -11.72 -7.27
C GLY A 143 -1.08 -13.20 -7.05
N PHE A 144 -2.36 -13.58 -6.95
CA PHE A 144 -2.67 -15.00 -6.81
C PHE A 144 -2.17 -15.84 -7.99
N ASP A 145 -2.16 -15.27 -9.19
CA ASP A 145 -1.59 -15.95 -10.35
C ASP A 145 -0.09 -16.21 -10.16
N VAL A 146 0.59 -15.23 -9.55
CA VAL A 146 2.02 -15.36 -9.26
C VAL A 146 2.23 -16.47 -8.22
N LEU A 147 1.40 -16.51 -7.17
CA LEU A 147 1.53 -17.57 -6.16
C LEU A 147 1.37 -18.94 -6.82
N THR A 148 0.41 -19.05 -7.73
CA THR A 148 0.21 -20.29 -8.47
C THR A 148 1.42 -20.66 -9.33
N ALA A 149 1.94 -19.68 -10.05
CA ALA A 149 3.17 -19.87 -10.85
C ALA A 149 4.33 -20.38 -9.97
N MET A 150 4.48 -19.80 -8.79
CA MET A 150 5.48 -20.24 -7.82
C MET A 150 5.25 -21.70 -7.43
N GLU A 151 4.01 -22.05 -7.11
CA GLU A 151 3.68 -23.41 -6.66
C GLU A 151 4.04 -24.40 -7.74
N ASN A 152 3.83 -24.01 -8.99
CA ASN A 152 4.01 -24.90 -10.15
C ASN A 152 5.45 -25.20 -10.52
N VAL A 153 6.39 -24.44 -9.96
CA VAL A 153 7.82 -24.73 -10.18
C VAL A 153 8.16 -26.05 -9.47
N GLU A 154 8.73 -26.99 -10.21
CA GLU A 154 9.15 -28.28 -9.65
C GLU A 154 10.24 -28.10 -8.60
N SER A 155 10.20 -28.93 -7.57
CA SER A 155 11.25 -28.90 -6.56
C SER A 155 11.98 -30.23 -6.48
N ASP A 156 13.23 -30.19 -6.05
CA ASP A 156 14.01 -31.39 -5.79
C ASP A 156 13.33 -32.20 -4.68
N PRO A 157 12.89 -33.44 -4.98
CA PRO A 157 12.13 -34.21 -3.97
C PRO A 157 12.92 -34.52 -2.70
N LYS A 158 14.25 -34.54 -2.79
CA LYS A 158 15.07 -34.78 -1.60
C LYS A 158 15.19 -33.57 -0.68
N THR A 159 15.22 -32.37 -1.25
CA THR A 159 15.51 -31.18 -0.47
C THR A 159 14.35 -30.19 -0.39
N ASP A 160 13.36 -30.36 -1.27
CA ASP A 160 12.24 -29.41 -1.40
C ASP A 160 12.69 -28.04 -1.91
N ARG A 161 13.90 -27.98 -2.44
CA ARG A 161 14.40 -26.74 -3.03
C ARG A 161 13.89 -26.61 -4.47
N PRO A 162 13.28 -25.47 -4.84
CA PRO A 162 12.81 -25.32 -6.23
C PRO A 162 13.93 -25.53 -7.25
N LYS A 163 13.61 -26.18 -8.35
CA LYS A 163 14.63 -26.57 -9.34
C LYS A 163 15.08 -25.40 -10.17
N GLU A 164 14.17 -24.44 -10.38
CA GLU A 164 14.53 -23.11 -10.89
C GLU A 164 14.27 -22.08 -9.81
N GLU A 165 15.22 -21.17 -9.67
CA GLU A 165 15.24 -20.23 -8.54
C GLU A 165 14.01 -19.36 -8.54
N ILE A 166 13.38 -19.27 -7.36
CA ILE A 166 12.30 -18.32 -7.10
C ILE A 166 12.84 -17.31 -6.10
N ARG A 167 12.86 -16.04 -6.50
CA ARG A 167 13.70 -15.02 -5.87
C ARG A 167 12.89 -13.76 -5.60
N ILE A 168 13.12 -13.14 -4.44
CA ILE A 168 12.57 -11.82 -4.15
C ILE A 168 13.63 -10.83 -4.63
N ASP A 169 13.32 -10.06 -5.66
CA ASP A 169 14.26 -9.04 -6.12
C ASP A 169 14.24 -7.80 -5.23
N ALA A 170 13.05 -7.43 -4.77
CA ALA A 170 12.89 -6.18 -4.01
C ALA A 170 11.62 -6.30 -3.20
N THR A 171 11.48 -5.45 -2.20
CA THR A 171 10.27 -5.42 -1.37
C THR A 171 9.83 -3.97 -1.19
N THR A 172 8.59 -3.64 -1.52
CA THR A 172 8.12 -2.26 -1.31
C THR A 172 7.07 -2.24 -0.23
N VAL A 173 7.34 -1.55 0.87
CA VAL A 173 6.32 -1.36 1.91
C VAL A 173 5.48 -0.18 1.46
N PHE A 174 4.31 -0.47 0.89
CA PHE A 174 3.50 0.66 0.40
C PHE A 174 2.53 1.24 1.42
N VAL A 175 2.34 0.54 2.54
CA VAL A 175 1.68 1.13 3.70
C VAL A 175 2.46 0.65 4.92
N ASP A 176 3.13 1.62 5.56
CA ASP A 176 3.93 1.38 6.77
C ASP A 176 3.15 1.88 8.00
N PRO A 177 2.56 0.96 8.78
CA PRO A 177 1.70 1.40 9.89
C PRO A 177 2.44 1.93 11.10
N TYR A 178 3.77 1.90 11.05
CA TYR A 178 4.60 2.39 12.18
C TYR A 178 5.04 3.83 12.00
N GLU A 179 4.56 4.48 10.94
CA GLU A 179 5.03 5.86 10.66
C GLU A 179 4.72 6.82 11.81
N GLU A 180 3.51 6.75 12.34
CA GLU A 180 3.08 7.68 13.40
C GLU A 180 3.92 7.47 14.68
N ALA A 181 4.11 6.20 15.04
CA ALA A 181 4.95 5.85 16.21
C ALA A 181 6.38 6.35 16.01
N ASP A 182 6.97 6.02 14.85
CA ASP A 182 8.32 6.48 14.54
C ASP A 182 8.45 8.00 14.55
N ALA A 183 7.44 8.68 14.02
CA ALA A 183 7.45 10.15 13.93
C ALA A 183 7.42 10.80 15.31
N GLN A 184 6.59 10.26 16.21
CA GLN A 184 6.53 10.78 17.59
C GLN A 184 7.88 10.61 18.26
N ILE A 185 8.44 9.41 18.18
CA ILE A 185 9.74 9.14 18.80
C ILE A 185 10.85 10.02 18.23
N ALA A 186 10.89 10.17 16.90
CA ALA A 186 11.91 11.01 16.25
C ALA A 186 11.77 12.49 16.69
N GLN A 187 10.52 12.98 16.73
CA GLN A 187 10.25 14.36 17.12
C GLN A 187 10.70 14.60 18.56
N GLU A 188 10.33 13.68 19.45
CA GLU A 188 10.64 13.85 20.86
C GLU A 188 12.16 13.84 21.10
N ARG A 189 12.86 12.93 20.41
CA ARG A 189 14.31 12.88 20.45
C ARG A 189 14.91 14.20 19.91
N LYS A 190 14.39 14.69 18.78
CA LYS A 190 14.92 15.92 18.17
C LYS A 190 14.75 17.11 19.13
N THR A 191 13.55 17.22 19.70
CA THR A 191 13.26 18.27 20.68
C THR A 191 14.21 18.19 21.88
N GLN A 192 14.39 16.99 22.42
CA GLN A 192 15.24 16.79 23.60
C GLN A 192 16.69 17.20 23.26
N LEU A 193 17.17 16.79 22.10
CA LEU A 193 18.54 17.15 21.71
C LEU A 193 18.68 18.67 21.54
N LYS A 194 17.64 19.32 21.04
CA LYS A 194 17.72 20.77 20.76
C LYS A 194 17.67 21.61 22.03
N VAL A 195 16.86 21.21 23.01
CA VAL A 195 16.61 22.11 24.16
C VAL A 195 16.84 21.52 25.55
N ALA A 196 16.95 20.19 25.66
CA ALA A 196 17.31 19.56 26.94
C ALA A 196 18.46 18.56 26.78
N PRO A 197 19.61 19.00 26.24
CA PRO A 197 20.72 18.06 26.07
C PRO A 197 21.32 17.66 27.41
N GLY B 13 -20.76 -0.71 -16.57
CA GLY B 13 -19.94 -0.29 -15.39
C GLY B 13 -18.83 -1.26 -15.04
N LEU B 14 -17.82 -0.71 -14.36
CA LEU B 14 -16.72 -1.51 -13.84
C LEU B 14 -16.75 -1.44 -12.33
N VAL B 15 -17.14 -2.56 -11.73
CA VAL B 15 -17.31 -2.70 -10.29
C VAL B 15 -15.96 -2.97 -9.63
N PRO B 16 -15.57 -2.11 -8.67
CA PRO B 16 -14.31 -2.33 -7.95
C PRO B 16 -14.48 -3.46 -6.95
N ARG B 17 -13.39 -4.11 -6.59
CA ARG B 17 -13.44 -5.09 -5.51
C ARG B 17 -12.40 -4.71 -4.46
N GLY B 18 -12.86 -4.01 -3.42
CA GLY B 18 -12.01 -3.60 -2.32
C GLY B 18 -11.36 -2.25 -2.52
N SER B 19 -10.54 -1.84 -1.54
CA SER B 19 -9.88 -0.54 -1.59
C SER B 19 -8.69 -0.50 -2.53
N GLY B 20 -8.39 0.69 -3.05
CA GLY B 20 -7.23 0.89 -3.90
C GLY B 20 -6.09 1.48 -3.11
N TYR B 21 -4.88 1.29 -3.62
CA TYR B 21 -3.68 1.88 -3.01
C TYR B 21 -2.81 2.48 -4.09
N VAL B 22 -2.51 3.76 -3.92
CA VAL B 22 -1.76 4.51 -4.91
C VAL B 22 -0.66 5.29 -4.22
N ARG B 23 0.52 5.31 -4.83
CA ARG B 23 1.62 6.13 -4.33
C ARG B 23 1.85 7.30 -5.28
N LEU B 24 1.85 8.51 -4.76
CA LEU B 24 2.25 9.70 -5.51
C LEU B 24 3.74 9.93 -5.22
N HIS B 25 4.57 9.78 -6.24
CA HIS B 25 6.00 10.05 -6.10
C HIS B 25 6.18 11.55 -6.36
N THR B 26 6.18 12.34 -5.30
CA THR B 26 6.36 13.79 -5.46
C THR B 26 7.84 14.20 -5.35
N ASN B 27 8.15 15.44 -5.73
CA ASN B 27 9.53 15.91 -5.57
C ASN B 27 9.87 16.24 -4.10
N LYS B 28 8.91 16.02 -3.19
CA LYS B 28 9.13 16.18 -1.76
C LYS B 28 9.14 14.82 -1.04
N GLY B 29 8.96 13.76 -1.80
CA GLY B 29 8.86 12.39 -1.25
C GLY B 29 7.57 11.69 -1.65
N ASP B 30 7.39 10.49 -1.12
CA ASP B 30 6.26 9.65 -1.48
C ASP B 30 5.09 9.85 -0.54
N LEU B 31 3.89 9.97 -1.13
CA LEU B 31 2.63 9.94 -0.37
C LEU B 31 1.92 8.64 -0.69
N ASN B 32 1.48 7.91 0.35
CA ASN B 32 0.73 6.68 0.11
C ASN B 32 -0.73 6.90 0.43
N LEU B 33 -1.59 6.54 -0.52
CA LEU B 33 -3.02 6.84 -0.44
C LEU B 33 -3.84 5.56 -0.42
N GLU B 34 -4.79 5.48 0.50
CA GLU B 34 -5.84 4.44 0.52
C GLU B 34 -7.06 5.07 -0.12
N LEU B 35 -7.68 4.36 -1.06
CA LEU B 35 -8.82 4.87 -1.80
C LEU B 35 -10.04 4.05 -1.47
N HIS B 36 -11.15 4.71 -1.19
CA HIS B 36 -12.36 4.01 -0.71
C HIS B 36 -13.21 3.56 -1.88
N CYS B 37 -12.66 2.67 -2.70
CA CYS B 37 -13.24 2.39 -4.00
C CYS B 37 -14.62 1.73 -3.92
N ASP B 38 -14.85 0.86 -2.94
CA ASP B 38 -16.19 0.25 -2.81
C ASP B 38 -17.25 1.33 -2.60
N LEU B 39 -16.91 2.35 -1.83
CA LEU B 39 -17.85 3.41 -1.49
C LEU B 39 -17.98 4.46 -2.60
N THR B 40 -16.87 4.80 -3.25
CA THR B 40 -16.85 5.88 -4.25
C THR B 40 -16.27 5.32 -5.57
N PRO B 41 -17.02 4.41 -6.22
CA PRO B 41 -16.45 3.69 -7.35
C PRO B 41 -16.07 4.54 -8.55
N LYS B 42 -16.90 5.52 -8.94
CA LYS B 42 -16.57 6.34 -10.11
C LYS B 42 -15.36 7.21 -9.82
N THR B 43 -15.34 7.75 -8.60
CA THR B 43 -14.29 8.73 -8.24
C THR B 43 -12.94 8.01 -8.14
N CYS B 44 -12.95 6.83 -7.54
CA CYS B 44 -11.74 6.02 -7.49
C CYS B 44 -11.33 5.55 -8.89
N GLU B 45 -12.28 5.14 -9.72
CA GLU B 45 -11.95 4.69 -11.09
C GLU B 45 -11.27 5.80 -11.90
N ASN B 46 -11.85 6.99 -11.80
CA ASN B 46 -11.30 8.15 -12.50
C ASN B 46 -9.85 8.36 -12.09
N PHE B 47 -9.60 8.44 -10.79
CA PHE B 47 -8.25 8.74 -10.28
C PHE B 47 -7.26 7.66 -10.69
N ILE B 48 -7.65 6.41 -10.49
CA ILE B 48 -6.77 5.28 -10.80
C ILE B 48 -6.45 5.21 -12.31
N ARG B 49 -7.46 5.33 -13.16
CA ARG B 49 -7.22 5.31 -14.61
C ARG B 49 -6.36 6.50 -15.08
N LEU B 50 -6.59 7.69 -14.50
CA LEU B 50 -5.70 8.83 -14.79
C LEU B 50 -4.26 8.57 -14.35
N CYS B 51 -4.08 7.97 -13.17
CA CYS B 51 -2.73 7.62 -12.72
C CYS B 51 -2.04 6.65 -13.69
N LYS B 52 -2.78 5.62 -14.09
CA LYS B 52 -2.22 4.58 -14.95
C LYS B 52 -1.77 5.08 -16.32
N LYS B 53 -2.48 6.07 -16.86
CA LYS B 53 -2.09 6.63 -18.17
C LYS B 53 -1.14 7.82 -18.05
N HIS B 54 -0.54 8.00 -16.88
CA HIS B 54 0.48 9.04 -16.65
C HIS B 54 -0.05 10.47 -16.68
N TYR B 55 -1.35 10.61 -16.47
CA TYR B 55 -2.01 11.91 -16.60
C TYR B 55 -1.46 12.92 -15.60
N TYR B 56 -1.09 12.42 -14.41
CA TYR B 56 -0.64 13.30 -13.35
C TYR B 56 0.88 13.51 -13.35
N ASP B 57 1.60 12.82 -14.24
CA ASP B 57 3.07 12.96 -14.27
C ASP B 57 3.45 14.40 -14.61
N GLY B 58 4.34 14.97 -13.80
CA GLY B 58 4.85 16.32 -14.02
C GLY B 58 3.87 17.40 -13.60
N THR B 59 2.74 17.03 -13.00
CA THR B 59 1.74 18.04 -12.64
C THR B 59 2.07 18.61 -11.28
N ILE B 60 1.71 19.87 -11.05
CA ILE B 60 2.06 20.55 -9.81
C ILE B 60 0.88 20.61 -8.84
N PHE B 61 1.19 20.96 -7.59
CA PHE B 61 0.14 21.35 -6.63
C PHE B 61 0.09 22.89 -6.67
N HIS B 62 -0.96 23.42 -7.29
CA HIS B 62 -1.03 24.85 -7.64
C HIS B 62 -1.61 25.72 -6.55
N ARG B 63 -2.17 25.10 -5.51
CA ARG B 63 -2.90 25.83 -4.46
C ARG B 63 -2.54 25.18 -3.14
N SER B 64 -1.96 25.94 -2.23
CA SER B 64 -1.57 25.39 -0.92
C SER B 64 -1.87 26.43 0.13
N ILE B 65 -2.74 26.09 1.08
CA ILE B 65 -3.15 27.02 2.12
C ILE B 65 -2.90 26.35 3.46
N ARG B 66 -2.02 26.94 4.26
CA ARG B 66 -1.58 26.31 5.51
C ARG B 66 -2.77 25.99 6.40
N ASN B 67 -2.77 24.78 6.94
CA ASN B 67 -3.79 24.31 7.89
C ASN B 67 -5.16 24.18 7.23
N PHE B 68 -5.18 24.13 5.90
CA PHE B 68 -6.43 23.99 5.17
C PHE B 68 -6.35 22.84 4.15
N VAL B 69 -5.87 23.12 2.94
CA VAL B 69 -5.72 22.05 1.92
C VAL B 69 -4.50 22.31 1.04
N ILE B 70 -4.04 21.25 0.37
CA ILE B 70 -3.15 21.39 -0.79
C ILE B 70 -3.78 20.65 -1.96
N GLN B 71 -3.75 21.31 -3.13
CA GLN B 71 -4.59 20.89 -4.26
C GLN B 71 -3.77 20.83 -5.52
N GLY B 72 -4.03 19.79 -6.33
CA GLY B 72 -3.33 19.60 -7.57
C GLY B 72 -4.23 18.93 -8.59
N GLY B 73 -3.59 18.21 -9.51
CA GLY B 73 -4.29 17.40 -10.51
C GLY B 73 -4.66 18.14 -11.77
N ASP B 74 -4.15 19.39 -11.91
CA ASP B 74 -4.42 20.19 -13.10
C ASP B 74 -3.21 20.18 -14.06
N PRO B 75 -3.29 19.45 -15.20
CA PRO B 75 -2.09 19.40 -16.07
C PRO B 75 -1.68 20.74 -16.72
N THR B 76 -2.58 21.72 -16.71
CA THR B 76 -2.28 23.05 -17.23
C THR B 76 -1.56 23.89 -16.18
N GLY B 77 -1.69 23.48 -14.92
CA GLY B 77 -1.15 24.26 -13.80
C GLY B 77 -1.83 25.59 -13.51
N THR B 78 -2.93 25.89 -14.21
CA THR B 78 -3.64 27.17 -14.03
C THR B 78 -4.51 27.24 -12.78
N GLY B 79 -5.00 26.08 -12.32
CA GLY B 79 -6.03 26.06 -11.30
C GLY B 79 -7.44 25.77 -11.83
N THR B 80 -7.65 25.88 -13.15
CA THR B 80 -8.98 25.63 -13.71
C THR B 80 -9.00 24.59 -14.83
N GLY B 81 -7.88 23.92 -15.05
CA GLY B 81 -7.82 22.93 -16.13
C GLY B 81 -8.02 21.50 -15.66
N GLY B 82 -7.93 20.57 -16.59
CA GLY B 82 -8.10 19.15 -16.31
C GLY B 82 -9.40 18.62 -16.88
N GLU B 83 -9.44 17.32 -17.13
CA GLU B 83 -10.67 16.66 -17.53
C GLU B 83 -10.70 15.27 -16.91
N SER B 84 -11.90 14.71 -16.77
CA SER B 84 -12.04 13.35 -16.22
C SER B 84 -11.51 12.33 -17.20
N TYR B 85 -11.30 11.10 -16.73
CA TYR B 85 -10.89 10.01 -17.58
C TYR B 85 -11.80 9.93 -18.81
N TRP B 86 -13.10 10.14 -18.58
CA TRP B 86 -14.10 9.93 -19.62
C TRP B 86 -14.27 11.12 -20.56
N GLY B 87 -13.75 12.28 -20.18
CA GLY B 87 -13.86 13.46 -21.06
C GLY B 87 -14.94 14.43 -20.65
N LYS B 88 -15.97 13.95 -19.97
CA LYS B 88 -16.94 14.87 -19.41
C LYS B 88 -16.96 14.77 -17.90
N PRO B 89 -17.48 15.81 -17.23
CA PRO B 89 -17.48 15.81 -15.77
C PRO B 89 -18.37 14.71 -15.23
N PHE B 90 -18.04 14.21 -14.04
CA PHE B 90 -18.83 13.13 -13.47
C PHE B 90 -19.42 13.50 -12.11
N LYS B 91 -20.40 12.69 -11.66
CA LYS B 91 -21.22 13.02 -10.51
C LYS B 91 -20.46 12.90 -9.19
N ASP B 92 -20.89 13.66 -8.20
CA ASP B 92 -20.42 13.53 -6.83
C ASP B 92 -20.83 12.18 -6.26
N GLU B 93 -20.05 11.72 -5.27
CA GLU B 93 -20.37 10.48 -4.58
C GLU B 93 -20.25 10.73 -3.08
N PHE B 94 -21.17 11.52 -2.53
CA PHE B 94 -21.18 11.78 -1.08
C PHE B 94 -21.70 10.55 -0.36
N ARG B 95 -21.11 10.28 0.80
CA ARG B 95 -21.46 9.10 1.58
C ARG B 95 -21.60 9.47 3.05
N PRO B 96 -22.59 8.89 3.73
CA PRO B 96 -22.84 9.29 5.12
C PRO B 96 -21.66 9.02 6.05
N ASN B 97 -20.86 8.01 5.75
CA ASN B 97 -19.74 7.61 6.61
C ASN B 97 -18.38 8.24 6.24
N LEU B 98 -18.40 9.13 5.26
CA LEU B 98 -17.17 9.81 4.85
C LEU B 98 -17.32 11.30 5.11
N SER B 99 -16.49 11.80 6.02
CA SER B 99 -16.48 13.21 6.38
C SER B 99 -15.03 13.70 6.44
N HIS B 100 -14.82 15.03 6.32
CA HIS B 100 -13.48 15.62 6.36
C HIS B 100 -13.08 15.76 7.84
N THR B 101 -12.77 14.62 8.46
CA THR B 101 -12.64 14.52 9.92
C THR B 101 -11.26 14.81 10.53
N GLY B 102 -10.25 15.03 9.70
CA GLY B 102 -8.90 15.17 10.22
C GLY B 102 -7.94 15.47 9.09
N ARG B 103 -6.66 15.47 9.42
CA ARG B 103 -5.62 15.76 8.45
C ARG B 103 -5.49 14.57 7.51
N GLY B 104 -5.26 14.84 6.23
CA GLY B 104 -4.94 13.77 5.27
C GLY B 104 -6.09 13.20 4.44
N ILE B 105 -7.25 13.85 4.47
CA ILE B 105 -8.42 13.38 3.71
C ILE B 105 -8.20 13.78 2.25
N LEU B 106 -8.51 12.85 1.34
CA LEU B 106 -8.28 12.99 -0.10
C LEU B 106 -9.65 13.20 -0.76
N SER B 107 -9.83 14.34 -1.42
CA SER B 107 -11.13 14.73 -1.96
C SER B 107 -11.03 15.39 -3.34
N MET B 108 -12.17 15.44 -4.05
CA MET B 108 -12.23 16.12 -5.35
C MET B 108 -12.48 17.62 -5.30
N ALA B 109 -11.68 18.38 -6.04
CA ALA B 109 -12.05 19.78 -6.32
C ALA B 109 -13.10 19.78 -7.42
N ASN B 110 -13.83 20.87 -7.53
CA ASN B 110 -14.90 20.92 -8.55
C ASN B 110 -15.36 22.36 -8.77
N SER B 111 -16.32 22.53 -9.69
CA SER B 111 -16.84 23.87 -9.98
C SER B 111 -18.32 23.99 -9.59
N GLY B 112 -18.74 23.15 -8.63
CA GLY B 112 -20.14 23.03 -8.20
C GLY B 112 -20.64 21.60 -8.34
N PRO B 113 -21.95 21.39 -8.13
CA PRO B 113 -22.50 20.02 -8.17
C PRO B 113 -22.13 19.23 -9.41
N ASN B 114 -21.75 17.97 -9.22
CA ASN B 114 -21.55 17.02 -10.32
C ASN B 114 -20.66 17.53 -11.44
N SER B 115 -19.50 18.05 -11.06
CA SER B 115 -18.57 18.64 -12.03
C SER B 115 -17.16 18.15 -11.81
N ASN B 116 -17.02 16.91 -11.36
CA ASN B 116 -15.68 16.37 -11.09
C ASN B 116 -14.92 16.12 -12.36
N ARG B 117 -13.65 16.54 -12.37
CA ARG B 117 -12.78 16.35 -13.51
C ARG B 117 -11.49 15.62 -13.09
N SER B 118 -10.38 16.33 -12.94
CA SER B 118 -9.14 15.67 -12.50
C SER B 118 -8.52 16.26 -11.23
N GLN B 119 -8.95 17.46 -10.81
CA GLN B 119 -8.31 18.09 -9.66
C GLN B 119 -8.77 17.51 -8.35
N PHE B 120 -7.83 17.40 -7.43
CA PHE B 120 -8.09 16.82 -6.13
C PHE B 120 -7.27 17.57 -5.06
N PHE B 121 -7.64 17.37 -3.81
CA PHE B 121 -6.86 17.97 -2.74
C PHE B 121 -6.72 17.03 -1.56
N ILE B 122 -5.76 17.37 -0.70
CA ILE B 122 -5.55 16.66 0.56
C ILE B 122 -5.70 17.70 1.68
N THR B 123 -6.49 17.37 2.70
CA THR B 123 -6.69 18.31 3.81
C THR B 123 -5.48 18.33 4.75
N PHE B 124 -5.22 19.48 5.35
CA PHE B 124 -4.18 19.57 6.38
C PHE B 124 -4.79 19.48 7.80
N ARG B 125 -6.12 19.55 7.88
CA ARG B 125 -6.89 19.65 9.13
C ARG B 125 -8.33 19.25 8.83
N SER B 126 -9.06 18.80 9.86
CA SER B 126 -10.50 18.58 9.75
C SER B 126 -11.18 19.82 9.16
N CYS B 127 -12.23 19.62 8.34
CA CYS B 127 -12.98 20.77 7.81
C CYS B 127 -14.37 20.31 7.41
N ALA B 128 -15.26 20.21 8.39
CA ALA B 128 -16.64 19.73 8.12
C ALA B 128 -17.36 20.52 7.02
N TYR B 129 -17.02 21.80 6.87
CA TYR B 129 -17.64 22.65 5.83
C TYR B 129 -17.54 21.99 4.44
N LEU B 130 -16.47 21.23 4.22
CA LEU B 130 -16.24 20.65 2.89
C LEU B 130 -17.16 19.46 2.61
N ASP B 131 -17.76 18.91 3.67
CA ASP B 131 -18.64 17.75 3.52
C ASP B 131 -19.81 18.11 2.61
N LYS B 132 -20.18 17.19 1.72
CA LYS B 132 -21.30 17.37 0.78
C LYS B 132 -21.08 18.55 -0.17
N LYS B 133 -19.84 19.06 -0.23
CA LYS B 133 -19.39 19.95 -1.30
C LYS B 133 -18.33 19.28 -2.16
N HIS B 134 -17.52 18.41 -1.54
CA HIS B 134 -16.45 17.70 -2.26
C HIS B 134 -16.49 16.20 -1.97
N THR B 135 -16.42 15.39 -3.04
CA THR B 135 -16.40 13.95 -2.86
C THR B 135 -15.13 13.51 -2.18
N ILE B 136 -15.26 12.87 -1.01
CA ILE B 136 -14.12 12.26 -0.33
C ILE B 136 -13.92 10.88 -0.94
N PHE B 137 -12.70 10.57 -1.39
CA PHE B 137 -12.46 9.26 -2.02
C PHE B 137 -11.24 8.50 -1.50
N GLY B 138 -10.58 9.04 -0.47
CA GLY B 138 -9.48 8.32 0.13
C GLY B 138 -8.87 9.07 1.31
N ARG B 139 -7.71 8.59 1.72
CA ARG B 139 -6.96 9.29 2.76
C ARG B 139 -5.49 8.93 2.67
N VAL B 140 -4.65 9.83 3.19
CA VAL B 140 -3.20 9.56 3.29
C VAL B 140 -2.97 8.52 4.37
N VAL B 141 -2.26 7.44 4.02
CA VAL B 141 -1.89 6.42 5.01
C VAL B 141 -0.36 6.25 5.15
N GLY B 142 0.39 7.10 4.45
CA GLY B 142 1.85 7.07 4.53
C GLY B 142 2.43 8.32 3.90
N GLY B 143 3.62 8.71 4.36
CA GLY B 143 4.19 9.98 3.90
C GLY B 143 3.63 11.17 4.64
N PHE B 144 3.26 10.97 5.91
CA PHE B 144 2.79 12.07 6.74
C PHE B 144 3.88 13.13 6.87
N ASP B 145 5.15 12.70 6.92
CA ASP B 145 6.26 13.68 6.95
C ASP B 145 6.36 14.48 5.65
N VAL B 146 6.11 13.78 4.54
CA VAL B 146 6.11 14.38 3.20
C VAL B 146 5.00 15.43 3.10
N LEU B 147 3.81 15.07 3.60
CA LEU B 147 2.68 16.00 3.59
C LEU B 147 3.01 17.28 4.39
N THR B 148 3.62 17.11 5.56
CA THR B 148 4.08 18.26 6.33
C THR B 148 5.15 19.11 5.58
N ALA B 149 6.11 18.45 4.95
CA ALA B 149 7.13 19.14 4.15
C ALA B 149 6.43 19.96 3.04
N MET B 150 5.42 19.35 2.42
CA MET B 150 4.64 20.06 1.39
C MET B 150 3.96 21.29 1.97
N GLU B 151 3.33 21.13 3.14
CA GLU B 151 2.61 22.22 3.79
C GLU B 151 3.54 23.39 4.08
N ASN B 152 4.78 23.06 4.41
CA ASN B 152 5.75 24.05 4.86
C ASN B 152 6.46 24.78 3.74
N VAL B 153 6.19 24.42 2.49
CA VAL B 153 6.71 25.22 1.38
C VAL B 153 5.95 26.55 1.36
N GLU B 154 6.67 27.66 1.37
CA GLU B 154 5.99 28.96 1.37
C GLU B 154 5.18 29.18 0.10
N SER B 155 4.02 29.82 0.24
CA SER B 155 3.21 30.19 -0.92
C SER B 155 3.08 31.70 -1.02
N ASP B 156 2.83 32.17 -2.23
CA ASP B 156 2.55 33.60 -2.46
C ASP B 156 1.18 33.87 -1.87
N PRO B 157 1.10 34.74 -0.85
CA PRO B 157 -0.20 35.04 -0.22
C PRO B 157 -1.24 35.60 -1.20
N LYS B 158 -0.78 36.21 -2.29
CA LYS B 158 -1.70 36.82 -3.24
C LYS B 158 -2.37 35.77 -4.12
N THR B 159 -1.77 34.58 -4.22
CA THR B 159 -2.24 33.59 -5.20
C THR B 159 -2.45 32.19 -4.58
N ASP B 160 -1.88 31.98 -3.39
CA ASP B 160 -1.81 30.67 -2.76
C ASP B 160 -1.00 29.64 -3.57
N ARG B 161 -0.16 30.11 -4.49
CA ARG B 161 0.68 29.19 -5.29
C ARG B 161 2.02 29.00 -4.58
N PRO B 162 2.45 27.73 -4.36
CA PRO B 162 3.78 27.54 -3.75
C PRO B 162 4.88 28.30 -4.49
N LYS B 163 5.78 28.91 -3.74
CA LYS B 163 6.87 29.71 -4.33
C LYS B 163 7.91 28.85 -5.03
N GLU B 164 7.99 27.58 -4.62
CA GLU B 164 8.83 26.60 -5.28
C GLU B 164 7.91 25.44 -5.66
N GLU B 165 8.09 24.92 -6.86
CA GLU B 165 7.19 23.93 -7.41
C GLU B 165 7.13 22.67 -6.54
N ILE B 166 5.90 22.25 -6.25
CA ILE B 166 5.65 20.95 -5.60
C ILE B 166 4.95 20.14 -6.69
N ARG B 167 5.52 19.01 -7.08
CA ARG B 167 4.96 18.29 -8.22
C ARG B 167 4.94 16.80 -8.04
N ILE B 168 4.05 16.18 -8.82
CA ILE B 168 3.96 14.74 -8.87
C ILE B 168 4.85 14.32 -10.04
N ASP B 169 5.91 13.60 -9.72
CA ASP B 169 6.81 13.10 -10.75
C ASP B 169 6.24 11.85 -11.42
N ALA B 170 5.63 11.00 -10.62
CA ALA B 170 5.09 9.74 -11.11
C ALA B 170 4.08 9.22 -10.13
N THR B 171 3.34 8.20 -10.55
CA THR B 171 2.37 7.54 -9.69
C THR B 171 2.55 6.03 -9.84
N THR B 172 2.34 5.30 -8.75
CA THR B 172 2.33 3.84 -8.84
C THR B 172 1.04 3.34 -8.23
N VAL B 173 0.27 2.57 -8.99
CA VAL B 173 -0.94 1.96 -8.44
C VAL B 173 -0.56 0.59 -7.88
N PHE B 174 -0.46 0.51 -6.55
CA PHE B 174 -0.08 -0.77 -5.91
C PHE B 174 -1.23 -1.74 -5.82
N VAL B 175 -2.45 -1.23 -5.64
CA VAL B 175 -3.64 -2.11 -5.66
C VAL B 175 -4.68 -1.44 -6.53
N ASP B 176 -5.05 -2.13 -7.60
CA ASP B 176 -6.01 -1.63 -8.57
C ASP B 176 -7.27 -2.50 -8.40
N PRO B 177 -8.29 -1.96 -7.71
CA PRO B 177 -9.52 -2.70 -7.45
C PRO B 177 -10.34 -3.01 -8.70
N TYR B 178 -9.95 -2.47 -9.86
CA TYR B 178 -10.72 -2.67 -11.09
C TYR B 178 -10.13 -3.78 -11.94
N GLU B 179 -9.10 -4.47 -11.43
CA GLU B 179 -8.39 -5.49 -12.22
C GLU B 179 -9.33 -6.57 -12.71
N GLU B 180 -10.14 -7.09 -11.81
CA GLU B 180 -11.04 -8.21 -12.14
C GLU B 180 -12.11 -7.78 -13.18
N ALA B 181 -12.75 -6.64 -12.94
CA ALA B 181 -13.72 -6.04 -13.86
C ALA B 181 -13.09 -5.84 -15.24
N ASP B 182 -11.93 -5.17 -15.26
CA ASP B 182 -11.21 -4.93 -16.53
C ASP B 182 -10.87 -6.24 -17.24
N ALA B 183 -10.44 -7.24 -16.48
CA ALA B 183 -10.09 -8.56 -17.05
C ALA B 183 -11.30 -9.25 -17.68
N GLN B 184 -12.46 -9.14 -17.02
CA GLN B 184 -13.67 -9.74 -17.58
C GLN B 184 -14.05 -9.07 -18.91
N ILE B 185 -14.06 -7.74 -18.90
CA ILE B 185 -14.45 -7.01 -20.11
C ILE B 185 -13.46 -7.27 -21.25
N ALA B 186 -12.16 -7.29 -20.93
CA ALA B 186 -11.12 -7.56 -21.94
C ALA B 186 -11.27 -8.95 -22.56
N GLN B 187 -11.52 -9.96 -21.72
CA GLN B 187 -11.70 -11.33 -22.18
C GLN B 187 -12.95 -11.43 -23.07
N GLU B 188 -14.03 -10.84 -22.60
CA GLU B 188 -15.30 -10.95 -23.34
C GLU B 188 -15.18 -10.25 -24.69
N ARG B 189 -14.48 -9.10 -24.74
CA ARG B 189 -14.27 -8.40 -26.00
C ARG B 189 -13.41 -9.25 -26.95
N LYS B 190 -12.35 -9.84 -26.40
CA LYS B 190 -11.43 -10.67 -27.19
C LYS B 190 -12.16 -11.86 -27.82
N THR B 191 -12.99 -12.50 -27.01
CA THR B 191 -13.75 -13.67 -27.44
C THR B 191 -14.72 -13.27 -28.56
N GLN B 192 -15.49 -12.21 -28.30
CA GLN B 192 -16.48 -11.71 -29.27
C GLN B 192 -15.83 -11.40 -30.62
N LEU B 193 -14.68 -10.73 -30.59
CA LEU B 193 -14.04 -10.30 -31.84
C LEU B 193 -13.55 -11.50 -32.65
N LYS B 194 -13.07 -12.51 -31.93
CA LYS B 194 -12.56 -13.74 -32.53
C LYS B 194 -13.67 -14.59 -33.14
N VAL B 195 -14.76 -14.78 -32.39
CA VAL B 195 -15.80 -15.76 -32.79
C VAL B 195 -17.12 -15.17 -33.27
N ALA B 196 -17.40 -13.92 -32.90
CA ALA B 196 -18.65 -13.24 -33.27
C ALA B 196 -18.38 -11.84 -33.85
N PRO B 197 -17.58 -11.75 -34.93
CA PRO B 197 -17.29 -10.44 -35.51
C PRO B 197 -18.56 -9.76 -36.03
#